data_8FH8
#
_entry.id   8FH8
#
_cell.length_a   40.061
_cell.length_b   46.989
_cell.length_c   48.237
_cell.angle_alpha   77.105
_cell.angle_beta   66.937
_cell.angle_gamma   77.235
#
_symmetry.space_group_name_H-M   'P 1'
#
loop_
_entity.id
_entity.type
_entity.pdbx_description
1 polymer 'Aldo-keto reductase family 1 member B1'
2 non-polymer 'NADP NICOTINAMIDE-ADENINE-DINUCLEOTIDE PHOSPHATE'
3 non-polymer '{7-[(5-chloro-1,3-benzothiazol-2-yl)methyl]-8-oxo-7,8-dihydropyrazino[2,3-d]pyridazin-5-yl}acetic acid'
4 non-polymer 1,2-ETHANEDIOL
5 non-polymer 'HYDROGEN PEROXIDE'
6 water water
#
_entity_poly.entity_id   1
_entity_poly.type   'polypeptide(L)'
_entity_poly.pdbx_seq_one_letter_code
;MASRLLLNNGAKMPILGLGTWKSPPGQVTEAVKVAIDVGYRHIDCAHVYQNENEVGVAIQEKLREQVVKREELFIVSKLW
CTYHEKGLVKGACQKTLSDLKLDYLDLYLIHWPTGFKPGKEFFPLDESGNVVPSDTNILDTWAAMEELVDEGLVKAIGIS
NFNHLQVEMILNKPGLKYKPAVNQIECHPYLTQEKLIQYCQSKGIVVTAYSPLGSPDRPWAKPEDPSLLEDPRIKAIAAK
HNKTTAQVLIRFPMQRNLVVIPKSVTPERIAENFKVFDFELSSQDMTTLLSYNRNWRVCALLSCTSHKDYPFHEEF
;
_entity_poly.pdbx_strand_id   A
#
loop_
_chem_comp.id
_chem_comp.type
_chem_comp.name
_chem_comp.formula
EDO non-polymer 1,2-ETHANEDIOL 'C2 H6 O2'
NAP non-polymer 'NADP NICOTINAMIDE-ADENINE-DINUCLEOTIDE PHOSPHATE' 'C21 H28 N7 O17 P3'
PEO non-polymer 'HYDROGEN PEROXIDE' 'H2 O2'
XY0 non-polymer '{7-[(5-chloro-1,3-benzothiazol-2-yl)methyl]-8-oxo-7,8-dihydropyrazino[2,3-d]pyridazin-5-yl}acetic acid' 'C16 H10 Cl N5 O3 S'
#
# COMPACT_ATOMS: atom_id res chain seq x y z
N ALA A 2 10.82 -11.18 -13.03
CA ALA A 2 10.14 -11.79 -11.86
C ALA A 2 8.71 -11.29 -11.81
N SER A 3 7.77 -12.18 -11.47
CA SER A 3 6.41 -11.78 -11.18
C SER A 3 6.21 -11.53 -9.68
N ARG A 4 7.15 -12.00 -8.84
CA ARG A 4 7.01 -11.94 -7.37
C ARG A 4 8.35 -11.61 -6.75
N LEU A 5 8.30 -11.01 -5.56
CA LEU A 5 9.48 -10.71 -4.76
C LEU A 5 9.41 -11.52 -3.45
N LEU A 6 10.58 -12.00 -3.02
CA LEU A 6 10.70 -12.75 -1.79
C LEU A 6 10.71 -11.82 -0.57
N LEU A 7 9.90 -12.18 0.44
CA LEU A 7 9.84 -11.51 1.73
C LEU A 7 10.68 -12.26 2.76
N ASN A 8 10.86 -11.58 3.91
CA ASN A 8 11.73 -12.10 4.97
C ASN A 8 11.02 -13.14 5.84
N ASN A 9 9.83 -13.58 5.43
CA ASN A 9 9.14 -14.68 6.08
C ASN A 9 9.17 -15.89 5.15
N GLY A 10 9.83 -15.74 3.99
CA GLY A 10 9.99 -16.76 2.96
C GLY A 10 8.86 -16.82 1.92
N ALA A 11 7.80 -16.03 2.08
CA ALA A 11 6.72 -15.97 1.10
C ALA A 11 7.11 -15.10 -0.10
N LYS A 12 6.34 -15.24 -1.18
CA LYS A 12 6.60 -14.49 -2.40
C LYS A 12 5.41 -13.56 -2.62
N MET A 13 5.72 -12.29 -2.87
CA MET A 13 4.71 -11.24 -2.92
C MET A 13 4.58 -10.82 -4.37
N PRO A 14 3.40 -10.97 -4.97
CA PRO A 14 3.23 -10.57 -6.36
C PRO A 14 3.55 -9.09 -6.55
N ILE A 15 4.35 -8.79 -7.58
CA ILE A 15 4.85 -7.42 -7.76
C ILE A 15 3.77 -6.47 -8.25
N LEU A 16 2.65 -6.98 -8.82
CA LEU A 16 1.54 -6.13 -9.22
C LEU A 16 0.33 -6.51 -8.41
N GLY A 17 -0.27 -5.51 -7.79
CA GLY A 17 -1.51 -5.68 -7.07
C GLY A 17 -2.56 -4.66 -7.42
N LEU A 18 -3.79 -4.96 -7.02
CA LEU A 18 -4.90 -4.05 -7.19
C LEU A 18 -5.12 -3.22 -5.94
N GLY A 19 -5.10 -1.92 -6.12
CA GLY A 19 -5.48 -1.01 -5.04
C GLY A 19 -7.00 -0.88 -4.93
N THR A 20 -7.48 -0.52 -3.74
CA THR A 20 -8.93 -0.46 -3.45
C THR A 20 -9.35 0.80 -2.67
N TRP A 21 -8.48 1.80 -2.49
CA TRP A 21 -8.87 3.07 -1.91
C TRP A 21 -9.74 3.84 -2.91
N LYS A 22 -10.93 4.25 -2.42
CA LYS A 22 -11.93 4.96 -3.22
C LYS A 22 -12.52 4.06 -4.31
N SER A 23 -12.52 2.76 -4.02
CA SER A 23 -13.26 1.84 -4.87
C SER A 23 -14.57 1.59 -4.16
N PRO A 24 -15.68 2.22 -4.63
CA PRO A 24 -16.90 2.20 -3.85
C PRO A 24 -17.49 0.81 -3.71
N PRO A 25 -18.22 0.54 -2.61
CA PRO A 25 -18.91 -0.74 -2.42
C PRO A 25 -19.68 -1.17 -3.68
N GLY A 26 -20.29 -0.20 -4.38
CA GLY A 26 -21.06 -0.49 -5.58
C GLY A 26 -20.27 -1.01 -6.79
N GLN A 27 -18.94 -0.87 -6.77
CA GLN A 27 -18.18 -1.26 -7.93
C GLN A 27 -17.02 -2.19 -7.57
N VAL A 28 -16.66 -2.27 -6.28
CA VAL A 28 -15.40 -2.93 -5.98
C VAL A 28 -15.50 -4.45 -6.15
N THR A 29 -16.67 -5.04 -5.91
CA THR A 29 -16.81 -6.49 -6.03
C THR A 29 -16.49 -6.88 -7.46
N GLU A 30 -17.09 -6.18 -8.45
CA GLU A 30 -16.81 -6.46 -9.85
C GLU A 30 -15.34 -6.19 -10.16
N ALA A 31 -14.80 -5.12 -9.57
CA ALA A 31 -13.41 -4.78 -9.81
C ALA A 31 -12.48 -5.92 -9.41
N VAL A 32 -12.68 -6.45 -8.20
CA VAL A 32 -11.86 -7.53 -7.71
C VAL A 32 -12.07 -8.79 -8.55
N LYS A 33 -13.31 -9.06 -8.92
CA LYS A 33 -13.56 -10.25 -9.75
C LYS A 33 -12.84 -10.18 -11.09
N VAL A 34 -12.92 -9.04 -11.79
CA VAL A 34 -12.24 -8.83 -13.03
C VAL A 34 -10.74 -8.95 -12.81
N ALA A 35 -10.20 -8.28 -11.77
CA ALA A 35 -8.79 -8.36 -11.53
C ALA A 35 -8.29 -9.81 -11.38
N ILE A 36 -9.01 -10.62 -10.60
CA ILE A 36 -8.61 -11.99 -10.39
C ILE A 36 -8.67 -12.75 -11.73
N ASP A 37 -9.68 -12.46 -12.54
CA ASP A 37 -9.85 -13.11 -13.83
C ASP A 37 -8.67 -12.86 -14.72
N VAL A 38 -8.26 -11.57 -14.83
CA VAL A 38 -7.20 -11.24 -15.73
C VAL A 38 -5.83 -11.61 -15.21
N GLY A 39 -5.64 -11.83 -13.90
CA GLY A 39 -4.39 -12.37 -13.42
C GLY A 39 -3.74 -11.68 -12.24
N TYR A 40 -4.39 -10.64 -11.68
CA TYR A 40 -3.89 -10.06 -10.45
C TYR A 40 -3.99 -11.08 -9.33
N ARG A 41 -2.91 -11.21 -8.58
CA ARG A 41 -2.87 -12.18 -7.49
C ARG A 41 -2.60 -11.50 -6.16
N HIS A 42 -2.87 -10.21 -6.08
CA HIS A 42 -2.52 -9.40 -4.92
C HIS A 42 -3.51 -8.27 -4.89
N ILE A 43 -4.16 -8.13 -3.72
CA ILE A 43 -5.17 -7.09 -3.46
C ILE A 43 -4.75 -6.32 -2.23
N ASP A 44 -4.70 -5.01 -2.36
CA ASP A 44 -4.40 -4.12 -1.25
C ASP A 44 -5.68 -3.51 -0.69
N CYS A 45 -5.90 -3.76 0.61
CA CYS A 45 -7.15 -3.44 1.28
C CYS A 45 -6.84 -2.61 2.53
N ALA A 46 -7.90 -2.09 3.16
CA ALA A 46 -7.79 -1.46 4.46
C ALA A 46 -9.16 -1.33 5.07
N HIS A 47 -9.22 -1.52 6.41
CA HIS A 47 -10.48 -1.26 7.11
C HIS A 47 -11.00 0.16 6.84
N VAL A 48 -10.11 1.15 6.78
CA VAL A 48 -10.52 2.53 6.64
C VAL A 48 -11.11 2.80 5.26
N TYR A 49 -10.94 1.90 4.30
CA TYR A 49 -11.51 2.11 2.97
C TYR A 49 -13.00 1.78 2.94
N GLN A 50 -13.50 1.16 4.02
CA GLN A 50 -14.93 0.91 4.23
C GLN A 50 -15.54 0.12 3.08
N ASN A 51 -14.79 -0.81 2.53
CA ASN A 51 -15.28 -1.63 1.43
C ASN A 51 -14.77 -3.08 1.53
N GLU A 52 -14.22 -3.49 2.67
CA GLU A 52 -13.66 -4.83 2.79
C GLU A 52 -14.75 -5.90 2.64
N ASN A 53 -15.99 -5.65 3.09
CA ASN A 53 -17.02 -6.66 2.91
C ASN A 53 -17.21 -6.99 1.43
N GLU A 54 -17.28 -5.94 0.61
CA GLU A 54 -17.50 -6.13 -0.83
C GLU A 54 -16.28 -6.76 -1.53
N VAL A 55 -15.07 -6.45 -1.07
CA VAL A 55 -13.89 -7.17 -1.55
C VAL A 55 -14.01 -8.66 -1.16
N GLY A 56 -14.44 -8.91 0.07
CA GLY A 56 -14.52 -10.26 0.59
C GLY A 56 -15.49 -11.12 -0.23
N VAL A 57 -16.61 -10.53 -0.61
CA VAL A 57 -17.56 -11.25 -1.47
C VAL A 57 -16.89 -11.71 -2.78
N ALA A 58 -16.09 -10.82 -3.42
CA ALA A 58 -15.43 -11.11 -4.68
C ALA A 58 -14.44 -12.26 -4.50
N ILE A 59 -13.61 -12.16 -3.47
CA ILE A 59 -12.59 -13.17 -3.26
C ILE A 59 -13.25 -14.52 -3.06
N GLN A 60 -14.29 -14.54 -2.21
CA GLN A 60 -14.94 -15.79 -1.83
C GLN A 60 -15.54 -16.45 -3.07
N GLU A 61 -16.16 -15.63 -3.94
CA GLU A 61 -16.84 -16.16 -5.10
C GLU A 61 -15.80 -16.80 -6.02
N LYS A 62 -14.61 -16.17 -6.14
CA LYS A 62 -13.61 -16.67 -7.05
C LYS A 62 -12.93 -17.92 -6.50
N LEU A 63 -12.79 -18.01 -5.16
CA LEU A 63 -12.28 -19.21 -4.54
C LEU A 63 -13.29 -20.34 -4.75
N ARG A 64 -14.55 -20.06 -4.47
CA ARG A 64 -15.60 -21.09 -4.55
C ARG A 64 -15.73 -21.59 -5.99
N GLU A 65 -15.52 -20.73 -6.99
CA GLU A 65 -15.69 -21.13 -8.38
C GLU A 65 -14.41 -21.77 -8.93
N GLN A 66 -13.39 -21.88 -8.09
CA GLN A 66 -12.11 -22.52 -8.36
C GLN A 66 -11.45 -21.80 -9.54
N VAL A 67 -11.49 -20.46 -9.49
CA VAL A 67 -10.81 -19.65 -10.47
C VAL A 67 -9.37 -19.51 -10.02
N VAL A 68 -9.21 -19.48 -8.69
CA VAL A 68 -7.91 -19.28 -8.06
C VAL A 68 -7.94 -20.03 -6.73
N LYS A 69 -6.75 -20.44 -6.28
CA LYS A 69 -6.55 -21.10 -5.00
C LYS A 69 -6.19 -20.03 -3.96
N ARG A 70 -6.64 -20.20 -2.73
CA ARG A 70 -6.28 -19.24 -1.68
C ARG A 70 -4.77 -19.03 -1.57
N GLU A 71 -3.95 -20.08 -1.69
CA GLU A 71 -2.51 -20.00 -1.54
C GLU A 71 -1.87 -19.16 -2.66
N GLU A 72 -2.60 -18.97 -3.77
CA GLU A 72 -2.06 -18.22 -4.89
C GLU A 72 -2.38 -16.74 -4.72
N LEU A 73 -3.26 -16.40 -3.78
CA LEU A 73 -3.64 -15.01 -3.59
C LEU A 73 -2.84 -14.43 -2.45
N PHE A 74 -2.53 -13.14 -2.60
CA PHE A 74 -1.78 -12.39 -1.63
C PHE A 74 -2.66 -11.23 -1.16
N ILE A 75 -3.29 -11.35 0.01
CA ILE A 75 -4.25 -10.35 0.47
C ILE A 75 -3.62 -9.56 1.61
N VAL A 76 -3.66 -8.25 1.43
CA VAL A 76 -3.07 -7.31 2.39
C VAL A 76 -4.19 -6.48 2.97
N SER A 77 -4.12 -6.24 4.30
CA SER A 77 -4.90 -5.16 4.91
C SER A 77 -4.04 -4.41 5.91
N LYS A 78 -4.65 -3.44 6.57
CA LYS A 78 -3.93 -2.47 7.38
C LYS A 78 -4.70 -2.15 8.66
N LEU A 79 -3.92 -1.94 9.71
CA LEU A 79 -4.40 -1.54 11.02
C LEU A 79 -4.65 -0.04 11.03
N TRP A 80 -5.90 0.42 11.27
CA TRP A 80 -6.17 1.84 11.29
C TRP A 80 -5.64 2.52 12.56
N CYS A 81 -5.42 3.84 12.44
CA CYS A 81 -4.73 4.58 13.49
C CYS A 81 -5.44 4.55 14.86
N THR A 82 -6.75 4.33 14.88
CA THR A 82 -7.49 4.37 16.12
C THR A 82 -7.37 3.04 16.87
N TYR A 83 -6.68 2.06 16.29
CA TYR A 83 -6.55 0.76 16.92
C TYR A 83 -5.09 0.43 17.29
N HIS A 84 -4.26 1.43 17.54
CA HIS A 84 -2.87 1.18 17.93
C HIS A 84 -2.76 0.69 19.36
N GLU A 85 -3.70 1.01 20.26
CA GLU A 85 -3.59 0.53 21.64
C GLU A 85 -3.45 -0.99 21.64
N LYS A 86 -2.54 -1.54 22.46
CA LYS A 86 -2.13 -2.92 22.34
C LYS A 86 -3.30 -3.88 22.41
N GLY A 87 -4.27 -3.64 23.32
CA GLY A 87 -5.40 -4.53 23.45
C GLY A 87 -6.46 -4.44 22.34
N LEU A 88 -6.33 -3.45 21.42
CA LEU A 88 -7.28 -3.27 20.34
C LEU A 88 -6.81 -3.91 19.03
N VAL A 89 -5.51 -4.24 18.91
CA VAL A 89 -4.95 -4.66 17.62
C VAL A 89 -5.57 -5.96 17.13
N LYS A 90 -5.71 -6.96 18.01
CA LYS A 90 -6.19 -8.23 17.54
C LYS A 90 -7.62 -8.14 17.03
N GLY A 91 -8.47 -7.38 17.75
CA GLY A 91 -9.85 -7.21 17.36
C GLY A 91 -9.99 -6.52 16.00
N ALA A 92 -9.13 -5.55 15.78
CA ALA A 92 -9.11 -4.86 14.51
C ALA A 92 -8.79 -5.83 13.38
N CYS A 93 -7.79 -6.67 13.57
CA CYS A 93 -7.42 -7.66 12.58
C CYS A 93 -8.55 -8.65 12.35
N GLN A 94 -9.15 -9.15 13.43
CA GLN A 94 -10.25 -10.10 13.32
C GLN A 94 -11.45 -9.51 12.61
N LYS A 95 -11.70 -8.19 12.75
CA LYS A 95 -12.84 -7.59 12.06
C LYS A 95 -12.56 -7.53 10.56
N THR A 96 -11.31 -7.17 10.20
CA THR A 96 -10.88 -7.19 8.81
C THR A 96 -11.00 -8.59 8.22
N LEU A 97 -10.57 -9.61 8.97
CA LEU A 97 -10.64 -10.98 8.49
C LEU A 97 -12.10 -11.40 8.28
N SER A 98 -12.97 -11.00 9.20
CA SER A 98 -14.37 -11.34 9.08
C SER A 98 -14.99 -10.70 7.84
N ASP A 99 -14.74 -9.39 7.67
CA ASP A 99 -15.27 -8.62 6.57
C ASP A 99 -14.76 -9.20 5.24
N LEU A 100 -13.46 -9.56 5.19
CA LEU A 100 -12.90 -10.13 3.97
C LEU A 100 -13.25 -11.60 3.74
N LYS A 101 -13.85 -12.23 4.76
CA LYS A 101 -14.24 -13.64 4.71
C LYS A 101 -13.04 -14.56 4.55
N LEU A 102 -11.96 -14.20 5.25
CA LEU A 102 -10.72 -14.97 5.19
C LEU A 102 -10.36 -15.49 6.59
N ASP A 103 -9.53 -16.56 6.59
CA ASP A 103 -9.01 -17.19 7.82
C ASP A 103 -7.62 -16.62 8.17
N TYR A 104 -6.94 -15.99 7.20
CA TYR A 104 -5.64 -15.38 7.41
C TYR A 104 -5.39 -14.31 6.35
N LEU A 105 -4.57 -13.33 6.74
CA LEU A 105 -4.02 -12.35 5.79
C LEU A 105 -2.60 -12.77 5.46
N ASP A 106 -2.21 -12.49 4.21
CA ASP A 106 -0.82 -12.68 3.80
C ASP A 106 0.07 -11.63 4.45
N LEU A 107 -0.43 -10.41 4.60
CA LEU A 107 0.35 -9.31 5.12
C LEU A 107 -0.59 -8.32 5.77
N TYR A 108 -0.22 -7.86 6.96
CA TYR A 108 -0.98 -6.86 7.67
C TYR A 108 -0.04 -5.73 8.09
N LEU A 109 -0.39 -4.52 7.67
CA LEU A 109 0.47 -3.37 7.87
C LEU A 109 -0.09 -2.42 8.94
N ILE A 110 0.83 -1.78 9.66
CA ILE A 110 0.45 -0.58 10.41
C ILE A 110 0.26 0.52 9.39
N HIS A 111 -0.96 1.05 9.26
CA HIS A 111 -1.28 1.94 8.13
C HIS A 111 -0.49 3.25 8.18
N TRP A 112 -0.39 3.83 9.37
CA TRP A 112 0.38 5.04 9.63
C TRP A 112 1.10 4.89 10.95
N PRO A 113 2.30 5.50 11.15
CA PRO A 113 2.93 5.45 12.48
C PRO A 113 2.25 6.22 13.60
N THR A 114 1.22 6.97 13.27
CA THR A 114 0.53 7.88 14.17
C THR A 114 -0.68 7.19 14.75
N GLY A 115 -0.68 6.94 16.07
CA GLY A 115 -1.89 6.47 16.72
C GLY A 115 -2.86 7.61 17.03
N PHE A 116 -4.15 7.32 16.86
CA PHE A 116 -5.21 8.27 17.20
C PHE A 116 -6.01 7.72 18.37
N LYS A 117 -6.72 8.60 19.06
CA LYS A 117 -7.61 8.21 20.15
C LYS A 117 -8.61 7.15 19.67
N PRO A 118 -8.82 6.06 20.42
CA PRO A 118 -9.85 5.09 20.03
C PRO A 118 -11.28 5.62 20.09
N GLY A 119 -12.15 4.95 19.36
CA GLY A 119 -13.56 5.34 19.27
C GLY A 119 -14.11 5.17 17.85
N LYS A 120 -15.29 5.77 17.63
CA LYS A 120 -16.07 5.49 16.44
C LYS A 120 -15.54 6.26 15.23
N GLU A 121 -14.89 7.41 15.44
CA GLU A 121 -14.45 8.26 14.35
C GLU A 121 -13.10 7.79 13.81
N PHE A 122 -12.95 7.79 12.47
CA PHE A 122 -11.68 7.43 11.87
C PHE A 122 -10.63 8.51 12.17
N PHE A 123 -11.06 9.79 12.16
CA PHE A 123 -10.22 10.95 12.41
C PHE A 123 -10.82 11.74 13.57
N PRO A 124 -10.55 11.41 14.84
CA PRO A 124 -10.96 12.32 15.94
C PRO A 124 -10.19 13.66 15.90
N LEU A 125 -10.88 14.83 15.83
CA LEU A 125 -10.19 16.12 15.62
C LEU A 125 -10.44 17.09 16.79
N ASP A 126 -9.55 18.09 16.98
CA ASP A 126 -9.81 19.19 17.92
C ASP A 126 -10.05 20.47 17.12
N GLU A 127 -10.33 21.55 17.85
CA GLU A 127 -10.77 22.80 17.26
C GLU A 127 -9.64 23.45 16.46
N SER A 128 -8.37 23.06 16.70
CA SER A 128 -7.22 23.55 15.93
C SER A 128 -7.12 22.87 14.55
N GLY A 129 -7.92 21.82 14.31
CA GLY A 129 -7.82 21.07 13.06
C GLY A 129 -6.75 19.98 13.12
N ASN A 130 -6.24 19.71 14.33
CA ASN A 130 -5.24 18.68 14.53
C ASN A 130 -5.93 17.44 15.13
N VAL A 131 -5.30 16.30 14.93
CA VAL A 131 -5.90 15.04 15.31
C VAL A 131 -5.74 14.87 16.83
N VAL A 132 -6.67 14.16 17.45
CA VAL A 132 -6.51 13.74 18.84
C VAL A 132 -5.70 12.45 18.84
N PRO A 133 -4.44 12.47 19.32
CA PRO A 133 -3.59 11.28 19.34
C PRO A 133 -3.94 10.28 20.42
N SER A 134 -3.35 9.08 20.29
CA SER A 134 -3.34 8.10 21.37
C SER A 134 -1.97 8.11 22.03
N ASP A 135 -1.92 7.64 23.26
CA ASP A 135 -0.68 7.66 24.02
C ASP A 135 0.21 6.44 23.71
N THR A 136 0.03 5.88 22.54
CA THR A 136 0.66 4.67 22.13
C THR A 136 2.00 5.01 21.50
N ASN A 137 2.92 4.06 21.59
CA ASN A 137 4.14 4.19 20.84
C ASN A 137 4.32 3.03 19.86
N ILE A 138 5.17 3.32 18.87
CA ILE A 138 5.38 2.46 17.72
C ILE A 138 5.83 1.07 18.16
N LEU A 139 6.68 1.00 19.18
CA LEU A 139 7.24 -0.29 19.56
C LEU A 139 6.21 -1.22 20.20
N ASP A 140 5.33 -0.66 21.05
CA ASP A 140 4.25 -1.41 21.66
C ASP A 140 3.27 -1.88 20.60
N THR A 141 2.92 -1.01 19.64
CA THR A 141 2.04 -1.47 18.57
C THR A 141 2.70 -2.58 17.77
N TRP A 142 4.02 -2.50 17.60
CA TRP A 142 4.70 -3.55 16.84
C TRP A 142 4.58 -4.88 17.58
N ALA A 143 4.79 -4.84 18.91
CA ALA A 143 4.66 -6.05 19.70
C ALA A 143 3.30 -6.71 19.54
N ALA A 144 2.23 -5.91 19.47
CA ALA A 144 0.90 -6.45 19.28
C ALA A 144 0.78 -7.05 17.88
N MET A 145 1.40 -6.40 16.88
CA MET A 145 1.39 -6.99 15.55
C MET A 145 2.10 -8.34 15.49
N GLU A 146 3.22 -8.49 16.19
CA GLU A 146 3.94 -9.75 16.22
C GLU A 146 3.08 -10.87 16.77
N GLU A 147 2.21 -10.56 17.74
CA GLU A 147 1.33 -11.55 18.35
C GLU A 147 0.35 -12.10 17.32
N LEU A 148 0.02 -11.30 16.28
CA LEU A 148 -0.87 -11.78 15.23
C LEU A 148 -0.18 -12.85 14.40
N VAL A 149 1.13 -12.72 14.20
CA VAL A 149 1.84 -13.74 13.45
C VAL A 149 1.86 -15.02 14.29
N ASP A 150 2.14 -14.83 15.55
CA ASP A 150 2.36 -15.95 16.45
C ASP A 150 1.06 -16.73 16.63
N GLU A 151 -0.09 -16.08 16.49
CA GLU A 151 -1.39 -16.71 16.63
C GLU A 151 -1.97 -17.24 15.32
N GLY A 152 -1.30 -17.03 14.18
CA GLY A 152 -1.74 -17.60 12.92
C GLY A 152 -2.72 -16.76 12.10
N LEU A 153 -2.99 -15.52 12.53
CA LEU A 153 -4.00 -14.70 11.92
C LEU A 153 -3.43 -14.04 10.65
N VAL A 154 -2.11 -13.82 10.65
CA VAL A 154 -1.46 -13.19 9.50
C VAL A 154 -0.11 -13.86 9.29
N LYS A 155 0.30 -14.01 8.02
CA LYS A 155 1.55 -14.67 7.71
C LYS A 155 2.75 -13.72 7.90
N ALA A 156 2.54 -12.42 7.72
CA ALA A 156 3.60 -11.44 7.77
C ALA A 156 3.02 -10.10 8.22
N ILE A 157 3.88 -9.29 8.79
CA ILE A 157 3.51 -7.96 9.23
C ILE A 157 4.46 -6.93 8.65
N GLY A 158 3.94 -5.72 8.47
CA GLY A 158 4.75 -4.63 7.95
C GLY A 158 4.20 -3.28 8.39
N ILE A 159 4.70 -2.24 7.68
CA ILE A 159 4.47 -0.87 8.07
C ILE A 159 4.18 -0.10 6.80
N SER A 160 3.63 1.07 7.01
CA SER A 160 3.28 1.94 5.90
C SER A 160 3.45 3.40 6.32
N ASN A 161 4.04 4.19 5.43
CA ASN A 161 4.31 5.59 5.72
C ASN A 161 5.25 5.77 6.90
N PHE A 162 6.17 4.82 7.10
CA PHE A 162 7.20 4.98 8.12
C PHE A 162 8.46 5.56 7.47
N ASN A 163 9.10 6.48 8.20
CA ASN A 163 10.36 7.02 7.73
C ASN A 163 11.51 6.14 8.19
N HIS A 164 12.72 6.42 7.71
CA HIS A 164 13.81 5.47 7.99
C HIS A 164 14.18 5.38 9.47
N LEU A 165 14.03 6.49 10.20
CA LEU A 165 14.27 6.42 11.64
C LEU A 165 13.18 5.61 12.34
N GLN A 166 11.94 5.63 11.83
CA GLN A 166 10.88 4.84 12.42
C GLN A 166 11.10 3.35 12.17
N VAL A 167 11.58 3.04 10.97
CA VAL A 167 11.91 1.68 10.60
C VAL A 167 13.03 1.20 11.53
N GLU A 168 14.01 2.09 11.72
CA GLU A 168 15.20 1.78 12.50
C GLU A 168 14.82 1.47 13.93
N MET A 169 13.84 2.21 14.48
CA MET A 169 13.41 2.02 15.85
C MET A 169 12.89 0.59 16.03
N ILE A 170 12.08 0.13 15.07
CA ILE A 170 11.60 -1.25 15.14
C ILE A 170 12.75 -2.24 15.00
N LEU A 171 13.62 -2.04 14.01
CA LEU A 171 14.72 -2.98 13.75
C LEU A 171 15.63 -3.12 14.98
N ASN A 172 15.79 -2.06 15.75
CA ASN A 172 16.66 -2.12 16.91
C ASN A 172 15.93 -2.46 18.21
N LYS A 173 14.61 -2.74 18.15
CA LYS A 173 13.83 -3.05 19.33
C LYS A 173 14.45 -4.24 20.09
N PRO A 174 14.80 -4.10 21.38
CA PRO A 174 15.21 -5.27 22.15
C PRO A 174 14.14 -6.36 22.18
N GLY A 175 14.57 -7.59 21.95
CA GLY A 175 13.62 -8.69 21.95
C GLY A 175 12.73 -8.73 20.70
N LEU A 176 13.10 -8.03 19.62
CA LEU A 176 12.32 -8.12 18.38
C LEU A 176 12.11 -9.57 17.95
N LYS A 177 10.88 -9.90 17.52
CA LYS A 177 10.59 -11.24 17.05
C LYS A 177 10.57 -11.29 15.51
N TYR A 178 9.86 -10.34 14.89
CA TYR A 178 9.71 -10.29 13.44
C TYR A 178 10.12 -8.92 12.92
N LYS A 179 11.00 -8.86 11.91
CA LYS A 179 11.27 -7.62 11.22
C LYS A 179 10.04 -7.26 10.39
N PRO A 180 9.80 -5.98 10.09
CA PRO A 180 8.78 -5.61 9.08
C PRO A 180 9.15 -6.26 7.76
N ALA A 181 8.15 -6.85 7.10
CA ALA A 181 8.37 -7.50 5.83
C ALA A 181 8.38 -6.51 4.68
N VAL A 182 7.56 -5.47 4.84
CA VAL A 182 7.26 -4.51 3.78
C VAL A 182 7.09 -3.14 4.42
N ASN A 183 7.50 -2.10 3.70
CA ASN A 183 7.12 -0.72 3.99
C ASN A 183 6.39 -0.21 2.75
N GLN A 184 5.09 0.10 2.89
CA GLN A 184 4.29 0.61 1.78
C GLN A 184 4.31 2.14 1.87
N ILE A 185 4.82 2.78 0.80
CA ILE A 185 5.02 4.21 0.79
C ILE A 185 4.54 4.76 -0.55
N GLU A 186 4.29 6.08 -0.55
CA GLU A 186 3.91 6.80 -1.76
C GLU A 186 5.14 6.84 -2.64
N CYS A 187 4.98 6.46 -3.91
CA CYS A 187 6.14 6.48 -4.78
C CYS A 187 5.68 6.62 -6.22
N HIS A 188 6.32 7.55 -6.95
CA HIS A 188 6.03 7.81 -8.33
C HIS A 188 7.10 8.77 -8.82
N PRO A 189 7.08 9.11 -10.13
CA PRO A 189 8.13 9.99 -10.63
C PRO A 189 8.22 11.38 -10.00
N TYR A 190 7.15 11.88 -9.34
CA TYR A 190 7.22 13.15 -8.64
C TYR A 190 7.64 13.02 -7.19
N LEU A 191 7.82 11.77 -6.70
CA LEU A 191 8.19 11.46 -5.34
C LEU A 191 8.94 10.14 -5.37
N THR A 192 10.23 10.18 -5.79
CA THR A 192 10.88 8.94 -6.16
C THR A 192 11.49 8.19 -4.98
N GLN A 193 11.65 8.84 -3.81
CA GLN A 193 12.01 8.14 -2.56
C GLN A 193 13.29 7.31 -2.70
N GLU A 194 14.32 7.83 -3.38
CA GLU A 194 15.53 7.04 -3.56
C GLU A 194 16.17 6.63 -2.25
N LYS A 195 16.31 7.57 -1.33
CA LYS A 195 17.01 7.27 -0.09
C LYS A 195 16.25 6.28 0.76
N LEU A 196 14.92 6.45 0.91
CA LEU A 196 14.17 5.52 1.74
C LEU A 196 14.12 4.12 1.12
N ILE A 197 14.05 4.09 -0.23
CA ILE A 197 14.01 2.81 -0.90
C ILE A 197 15.36 2.11 -0.72
N GLN A 198 16.44 2.85 -0.94
CA GLN A 198 17.76 2.26 -0.70
C GLN A 198 17.88 1.73 0.73
N TYR A 199 17.41 2.48 1.72
CA TYR A 199 17.46 2.07 3.12
C TYR A 199 16.69 0.74 3.26
N CYS A 200 15.43 0.76 2.84
CA CYS A 200 14.61 -0.43 3.09
C CYS A 200 15.22 -1.63 2.39
N GLN A 201 15.67 -1.45 1.16
CA GLN A 201 16.19 -2.53 0.34
C GLN A 201 17.44 -3.09 1.00
N SER A 202 18.22 -2.21 1.61
CA SER A 202 19.47 -2.64 2.26
C SER A 202 19.15 -3.50 3.48
N LYS A 203 17.98 -3.29 4.10
CA LYS A 203 17.54 -4.01 5.29
C LYS A 203 16.66 -5.23 4.96
N GLY A 204 16.52 -5.56 3.67
CA GLY A 204 15.73 -6.71 3.23
C GLY A 204 14.22 -6.52 3.41
N ILE A 205 13.80 -5.26 3.47
CA ILE A 205 12.39 -4.93 3.54
C ILE A 205 11.92 -4.54 2.15
N VAL A 206 10.89 -5.22 1.69
CA VAL A 206 10.32 -4.94 0.37
C VAL A 206 9.49 -3.67 0.46
N VAL A 207 9.62 -2.84 -0.59
CA VAL A 207 8.87 -1.60 -0.68
C VAL A 207 7.71 -1.79 -1.65
N THR A 208 6.52 -1.39 -1.21
CA THR A 208 5.37 -1.31 -2.09
C THR A 208 5.10 0.17 -2.35
N ALA A 209 5.07 0.53 -3.64
CA ALA A 209 4.74 1.87 -4.11
C ALA A 209 3.23 2.10 -4.24
N TYR A 210 2.68 3.04 -3.48
CA TYR A 210 1.30 3.41 -3.66
C TYR A 210 1.15 4.70 -4.45
N SER A 211 -0.07 4.97 -4.84
CA SER A 211 -0.39 6.11 -5.73
C SER A 211 0.58 6.19 -6.91
N PRO A 212 0.82 5.08 -7.66
CA PRO A 212 1.75 5.11 -8.78
C PRO A 212 1.33 5.95 -9.97
N LEU A 213 0.02 6.20 -10.11
CA LEU A 213 -0.51 7.05 -11.15
C LEU A 213 -0.74 8.46 -10.64
N GLY A 214 -0.25 8.78 -9.45
CA GLY A 214 -0.42 10.11 -8.87
C GLY A 214 -1.84 10.33 -8.33
N SER A 215 -2.63 9.25 -8.10
CA SER A 215 -3.89 9.35 -7.37
C SER A 215 -4.77 10.48 -7.91
N PRO A 216 -5.09 10.47 -9.21
CA PRO A 216 -5.86 11.57 -9.79
C PRO A 216 -7.27 11.69 -9.20
N ASP A 217 -7.75 10.67 -8.46
CA ASP A 217 -9.08 10.70 -7.83
C ASP A 217 -9.01 11.15 -6.38
N ARG A 218 -7.83 11.62 -5.94
CA ARG A 218 -7.70 12.12 -4.58
C ARG A 218 -8.66 13.28 -4.39
N PRO A 219 -9.21 13.46 -3.16
CA PRO A 219 -10.26 14.45 -2.94
C PRO A 219 -9.81 15.88 -3.24
N TRP A 220 -10.62 16.56 -4.06
CA TRP A 220 -10.45 17.97 -4.38
C TRP A 220 -9.15 18.20 -5.14
N ALA A 221 -8.76 17.26 -6.02
CA ALA A 221 -7.72 17.52 -7.00
C ALA A 221 -8.23 18.60 -7.94
N LYS A 222 -7.41 19.60 -8.28
CA LYS A 222 -7.73 20.51 -9.38
C LYS A 222 -6.91 20.11 -10.60
N PRO A 223 -7.38 20.42 -11.83
CA PRO A 223 -6.64 20.07 -13.05
C PRO A 223 -5.30 20.83 -13.18
N GLU A 224 -5.16 21.94 -12.45
CA GLU A 224 -3.91 22.69 -12.40
C GLU A 224 -2.83 22.03 -11.54
N ASP A 225 -3.17 21.05 -10.68
CA ASP A 225 -2.14 20.42 -9.86
C ASP A 225 -1.29 19.49 -10.72
N PRO A 226 -0.12 19.01 -10.23
CA PRO A 226 0.72 18.08 -11.00
C PRO A 226 -0.10 16.84 -11.36
N SER A 227 -0.02 16.42 -12.62
CA SER A 227 -0.71 15.25 -13.14
C SER A 227 0.28 14.35 -13.86
N LEU A 228 0.60 13.21 -13.25
CA LEU A 228 1.51 12.30 -13.94
C LEU A 228 0.93 11.77 -15.25
N LEU A 229 -0.36 11.41 -15.27
CA LEU A 229 -0.98 10.82 -16.42
C LEU A 229 -0.99 11.81 -17.59
N GLU A 230 -0.89 13.10 -17.30
CA GLU A 230 -0.95 14.10 -18.37
C GLU A 230 0.38 14.82 -18.58
N ASP A 231 1.45 14.35 -17.95
CA ASP A 231 2.77 14.95 -18.07
C ASP A 231 3.22 14.61 -19.49
N PRO A 232 3.43 15.63 -20.35
CA PRO A 232 3.77 15.35 -21.75
C PRO A 232 5.03 14.54 -21.96
N ARG A 233 5.94 14.69 -21.01
CA ARG A 233 7.20 13.98 -21.07
C ARG A 233 6.99 12.49 -20.84
N ILE A 234 6.08 12.16 -19.93
CA ILE A 234 5.76 10.74 -19.74
C ILE A 234 4.93 10.20 -20.89
N LYS A 235 4.00 10.98 -21.42
CA LYS A 235 3.26 10.60 -22.60
C LYS A 235 4.22 10.28 -23.75
N ALA A 236 5.31 11.04 -23.87
CA ALA A 236 6.26 10.83 -24.94
C ALA A 236 6.94 9.47 -24.80
N ILE A 237 7.27 9.07 -23.57
CA ILE A 237 7.89 7.78 -23.31
C ILE A 237 6.90 6.67 -23.65
N ALA A 238 5.64 6.85 -23.27
CA ALA A 238 4.58 5.91 -23.61
C ALA A 238 4.48 5.73 -25.13
N ALA A 239 4.38 6.85 -25.85
CA ALA A 239 4.21 6.83 -27.30
C ALA A 239 5.35 6.06 -27.97
N LYS A 240 6.57 6.21 -27.46
CA LYS A 240 7.73 5.55 -28.03
C LYS A 240 7.64 4.03 -27.89
N HIS A 241 6.98 3.56 -26.81
CA HIS A 241 6.82 2.13 -26.56
C HIS A 241 5.48 1.58 -27.05
N ASN A 242 4.66 2.43 -27.66
CA ASN A 242 3.30 2.11 -28.03
C ASN A 242 2.54 1.53 -26.82
N LYS A 243 2.58 2.25 -25.70
CA LYS A 243 1.93 1.84 -24.46
C LYS A 243 1.17 3.06 -23.93
N THR A 244 0.30 2.87 -22.93
CA THR A 244 -0.32 3.99 -22.26
C THR A 244 0.61 4.64 -21.23
N THR A 245 0.21 5.85 -20.81
CA THR A 245 0.91 6.53 -19.74
C THR A 245 0.81 5.73 -18.45
N ALA A 246 -0.37 5.15 -18.19
CA ALA A 246 -0.51 4.30 -17.02
C ALA A 246 0.43 3.10 -17.07
N GLN A 247 0.56 2.43 -18.23
CA GLN A 247 1.44 1.28 -18.33
C GLN A 247 2.88 1.70 -18.03
N VAL A 248 3.34 2.86 -18.53
CA VAL A 248 4.68 3.33 -18.17
C VAL A 248 4.84 3.53 -16.66
N LEU A 249 3.89 4.24 -16.04
CA LEU A 249 3.89 4.55 -14.64
C LEU A 249 3.86 3.30 -13.77
N ILE A 250 3.22 2.22 -14.23
CA ILE A 250 3.18 0.97 -13.47
C ILE A 250 4.49 0.19 -13.66
N ARG A 251 5.03 0.18 -14.88
CA ARG A 251 6.24 -0.53 -15.20
C ARG A 251 7.43 0.08 -14.49
N PHE A 252 7.45 1.42 -14.35
CA PHE A 252 8.56 2.13 -13.71
C PHE A 252 8.97 1.49 -12.36
N PRO A 253 8.10 1.45 -11.34
CA PRO A 253 8.45 0.86 -10.05
C PRO A 253 8.87 -0.58 -10.18
N MET A 254 8.24 -1.30 -11.09
CA MET A 254 8.56 -2.72 -11.19
C MET A 254 10.05 -2.85 -11.53
N GLN A 255 10.57 -1.96 -12.38
CA GLN A 255 12.00 -2.00 -12.74
C GLN A 255 12.91 -1.44 -11.66
N ARG A 256 12.35 -0.96 -10.57
CA ARG A 256 13.14 -0.55 -9.43
C ARG A 256 13.08 -1.64 -8.35
N ASN A 257 12.53 -2.81 -8.72
CA ASN A 257 12.33 -3.93 -7.80
C ASN A 257 11.43 -3.51 -6.63
N LEU A 258 10.37 -2.76 -6.96
CA LEU A 258 9.31 -2.44 -6.04
C LEU A 258 8.08 -3.26 -6.42
N VAL A 259 7.21 -3.45 -5.44
CA VAL A 259 5.82 -3.86 -5.67
C VAL A 259 5.01 -2.60 -5.97
N VAL A 260 3.95 -2.73 -6.78
CA VAL A 260 3.13 -1.57 -7.16
C VAL A 260 1.64 -1.97 -7.16
N ILE A 261 0.80 -1.03 -6.74
CA ILE A 261 -0.60 -1.33 -6.49
C ILE A 261 -1.53 -0.27 -7.08
N PRO A 262 -1.56 -0.13 -8.43
CA PRO A 262 -2.51 0.78 -9.07
C PRO A 262 -3.95 0.39 -8.77
N LYS A 263 -4.78 1.40 -8.57
CA LYS A 263 -6.20 1.26 -8.32
C LYS A 263 -7.00 1.55 -9.59
N SER A 264 -7.97 0.66 -9.86
CA SER A 264 -9.04 0.97 -10.80
C SER A 264 -10.29 0.18 -10.45
N VAL A 265 -11.45 0.79 -10.69
CA VAL A 265 -12.72 0.06 -10.72
C VAL A 265 -13.24 -0.12 -12.15
N THR A 266 -12.51 0.39 -13.14
CA THR A 266 -12.93 0.32 -14.52
C THR A 266 -12.42 -0.95 -15.17
N PRO A 267 -13.31 -1.88 -15.60
CA PRO A 267 -12.81 -3.15 -16.12
C PRO A 267 -11.77 -3.06 -17.24
N GLU A 268 -11.97 -2.16 -18.21
CA GLU A 268 -11.00 -2.02 -19.27
C GLU A 268 -9.63 -1.60 -18.75
N ARG A 269 -9.59 -0.68 -17.77
CA ARG A 269 -8.31 -0.25 -17.22
C ARG A 269 -7.66 -1.34 -16.36
N ILE A 270 -8.49 -2.08 -15.62
CA ILE A 270 -7.95 -3.17 -14.81
C ILE A 270 -7.19 -4.12 -15.76
N ALA A 271 -7.81 -4.43 -16.89
CA ALA A 271 -7.23 -5.35 -17.84
C ALA A 271 -6.00 -4.72 -18.50
N GLU A 272 -6.13 -3.48 -18.97
CA GLU A 272 -5.01 -2.84 -19.67
C GLU A 272 -3.82 -2.60 -18.75
N ASN A 273 -4.08 -2.25 -17.48
CA ASN A 273 -3.02 -1.95 -16.54
C ASN A 273 -2.20 -3.20 -16.22
N PHE A 274 -2.75 -4.40 -16.49
CA PHE A 274 -2.04 -5.66 -16.26
C PHE A 274 -0.99 -5.94 -17.34
N LYS A 275 -1.11 -5.30 -18.51
CA LYS A 275 -0.20 -5.54 -19.63
C LYS A 275 1.13 -4.79 -19.48
N VAL A 276 1.86 -5.13 -18.40
CA VAL A 276 3.10 -4.47 -18.06
C VAL A 276 4.24 -5.47 -17.96
N PHE A 277 4.00 -6.75 -18.28
CA PHE A 277 5.03 -7.77 -18.15
C PHE A 277 5.70 -8.06 -19.50
N ASP A 278 5.29 -7.37 -20.57
CA ASP A 278 5.75 -7.74 -21.90
C ASP A 278 6.54 -6.64 -22.61
N PHE A 279 7.02 -5.62 -21.87
CA PHE A 279 7.87 -4.57 -22.37
C PHE A 279 8.77 -4.09 -21.23
N GLU A 280 9.85 -3.41 -21.62
CA GLU A 280 10.81 -2.85 -20.69
C GLU A 280 11.00 -1.38 -20.99
N LEU A 281 11.09 -0.57 -19.94
CA LEU A 281 11.63 0.77 -20.13
C LEU A 281 13.14 0.70 -20.27
N SER A 282 13.71 1.56 -21.12
CA SER A 282 15.17 1.59 -21.26
C SER A 282 15.84 2.21 -20.04
N SER A 283 17.16 2.03 -19.92
CA SER A 283 17.96 2.74 -18.95
C SER A 283 17.72 4.23 -19.02
N GLN A 284 17.66 4.78 -20.24
CA GLN A 284 17.47 6.22 -20.35
C GLN A 284 16.08 6.61 -19.84
N ASP A 285 15.07 5.84 -20.21
CA ASP A 285 13.73 6.03 -19.69
C ASP A 285 13.74 6.09 -18.15
N MET A 286 14.43 5.13 -17.53
CA MET A 286 14.39 5.00 -16.07
C MET A 286 15.04 6.22 -15.42
N THR A 287 16.20 6.59 -15.96
CA THR A 287 16.94 7.76 -15.52
C THR A 287 16.10 9.03 -15.69
N THR A 288 15.44 9.14 -16.84
CA THR A 288 14.61 10.30 -17.15
C THR A 288 13.44 10.39 -16.16
N LEU A 289 12.75 9.28 -15.94
CA LEU A 289 11.63 9.36 -14.99
C LEU A 289 12.11 9.70 -13.59
N LEU A 290 13.22 9.12 -13.11
CA LEU A 290 13.74 9.46 -11.78
C LEU A 290 14.03 10.96 -11.67
N SER A 291 14.45 11.57 -12.79
CA SER A 291 14.81 12.98 -12.80
C SER A 291 13.60 13.87 -12.56
N TYR A 292 12.38 13.33 -12.58
CA TYR A 292 11.21 14.18 -12.43
C TYR A 292 10.82 14.37 -10.97
N ASN A 293 11.57 13.78 -10.06
CA ASN A 293 11.30 13.92 -8.64
C ASN A 293 11.15 15.40 -8.26
N ARG A 294 10.06 15.71 -7.57
CA ARG A 294 9.84 17.08 -7.14
C ARG A 294 9.34 17.10 -5.69
N ASN A 295 9.44 15.97 -4.95
CA ASN A 295 9.01 15.88 -3.56
C ASN A 295 7.55 16.28 -3.44
N TRP A 296 6.73 15.84 -4.37
CA TRP A 296 5.30 16.09 -4.34
C TRP A 296 4.56 14.91 -3.71
N ARG A 297 3.96 15.07 -2.52
CA ARG A 297 3.17 14.04 -1.86
C ARG A 297 1.69 14.31 -2.00
N VAL A 298 0.98 13.31 -2.49
CA VAL A 298 -0.48 13.28 -2.46
C VAL A 298 -0.97 13.00 -1.05
N CYS A 299 -0.23 12.16 -0.31
CA CYS A 299 -0.69 11.75 1.01
C CYS A 299 0.24 12.32 2.05
N ALA A 300 -0.03 13.56 2.53
CA ALA A 300 0.91 14.21 3.44
C ALA A 300 0.40 14.24 4.89
N LEU A 301 -0.78 13.65 5.16
CA LEU A 301 -1.33 13.51 6.52
C LEU A 301 -1.28 14.85 7.27
N LEU A 302 -1.75 15.93 6.63
CA LEU A 302 -1.47 17.28 7.12
C LEU A 302 -2.19 17.66 8.42
N SER A 303 -3.26 16.95 8.79
CA SER A 303 -3.92 17.10 10.09
C SER A 303 -3.07 16.65 11.27
N CYS A 304 -1.92 15.99 10.99
CA CYS A 304 -1.19 15.30 12.02
C CYS A 304 0.26 15.79 12.10
N THR A 305 0.56 16.98 11.58
CA THR A 305 1.94 17.43 11.49
C THR A 305 2.57 17.65 12.87
N SER A 306 1.77 17.82 13.94
CA SER A 306 2.39 17.94 15.27
C SER A 306 2.41 16.63 16.06
N HIS A 307 1.92 15.53 15.48
CA HIS A 307 1.97 14.24 16.13
C HIS A 307 3.43 13.84 16.32
N LYS A 308 3.72 13.23 17.48
CA LYS A 308 5.08 12.89 17.80
C LYS A 308 5.62 11.92 16.77
N ASP A 309 4.72 11.14 16.16
CA ASP A 309 5.13 10.12 15.20
C ASP A 309 4.80 10.54 13.76
N TYR A 310 4.51 11.80 13.51
CA TYR A 310 4.38 12.29 12.15
C TYR A 310 5.60 11.91 11.32
N PRO A 311 5.44 11.22 10.16
CA PRO A 311 6.61 10.70 9.45
C PRO A 311 7.36 11.59 8.47
N PHE A 312 6.83 12.76 8.14
CA PHE A 312 7.30 13.45 6.95
C PHE A 312 8.10 14.71 7.29
N HIS A 313 8.53 14.89 8.56
CA HIS A 313 9.44 16.00 8.85
C HIS A 313 10.88 15.62 8.47
N GLU A 314 11.19 14.32 8.49
CA GLU A 314 12.52 13.81 8.19
C GLU A 314 12.76 13.83 6.68
N GLU A 315 14.04 13.91 6.26
CA GLU A 315 14.37 13.91 4.86
C GLU A 315 13.88 12.62 4.22
N PHE A 316 14.04 11.50 4.94
CA PHE A 316 13.57 10.21 4.47
C PHE A 316 13.39 9.25 5.66
PA NAP B . -3.50 5.50 -8.17
O1A NAP B . -3.50 4.04 -8.18
O2A NAP B . -2.23 6.22 -8.43
O5B NAP B . -4.57 6.12 -9.17
C5B NAP B . -5.94 5.70 -9.08
C4B NAP B . -6.71 6.51 -10.10
O4B NAP B . -6.19 6.25 -11.44
C3B NAP B . -8.21 6.21 -10.13
O3B NAP B . -8.94 7.43 -10.14
C2B NAP B . -8.39 5.39 -11.38
O2B NAP B . -9.64 5.59 -12.03
C1B NAP B . -7.30 5.97 -12.27
N9A NAP B . -6.84 5.09 -13.33
C8A NAP B . -6.52 3.74 -13.18
N7A NAP B . -6.02 3.21 -14.27
C5A NAP B . -5.99 4.25 -15.19
C6A NAP B . -5.59 4.27 -16.54
N6A NAP B . -5.17 3.21 -17.22
N1A NAP B . -5.72 5.44 -17.20
C2A NAP B . -6.19 6.49 -16.52
N3A NAP B . -6.62 6.59 -15.27
C4A NAP B . -6.48 5.41 -14.63
O3 NAP B . -4.03 6.00 -6.75
PN NAP B . -4.33 5.46 -5.30
O1N NAP B . -5.64 4.75 -5.28
O2N NAP B . -4.09 6.61 -4.37
O5D NAP B . -3.09 4.45 -5.05
C5D NAP B . -3.24 3.04 -5.33
C4D NAP B . -3.57 2.23 -4.09
O4D NAP B . -2.48 2.38 -3.11
C3D NAP B . -4.78 2.66 -3.27
O3D NAP B . -5.97 2.36 -3.95
C2D NAP B . -4.55 1.91 -1.95
O2D NAP B . -4.79 0.53 -2.20
C1D NAP B . -3.03 2.17 -1.81
N1N NAP B . -2.72 3.38 -0.98
C2N NAP B . -2.17 3.21 0.27
C3N NAP B . -1.92 4.32 1.06
C7N NAP B . -1.34 4.15 2.43
O7N NAP B . -1.29 5.10 3.23
N7N NAP B . -0.74 3.00 2.70
C4N NAP B . -2.12 5.59 0.57
C5N NAP B . -2.57 5.76 -0.72
C6N NAP B . -2.83 4.66 -1.51
P2B NAP B . -10.82 4.47 -12.01
O1X NAP B . -12.08 5.35 -12.10
O2X NAP B . -10.77 3.66 -10.73
O3X NAP B . -10.62 3.63 -13.26
H51A NAP B . -6.30 5.88 -8.18
H52A NAP B . -6.03 4.74 -9.29
H4B NAP B . -6.59 7.46 -9.89
H3B NAP B . -8.47 5.67 -9.33
HO3A NAP B . -9.35 7.48 -10.88
H2B NAP B . -8.23 4.43 -11.20
H1B NAP B . -7.62 6.81 -12.68
H8A NAP B . -6.62 3.27 -12.37
H61A NAP B . -4.94 3.29 -18.07
H62A NAP B . -5.12 2.42 -16.83
H2A NAP B . -6.24 7.29 -17.03
H51N NAP B . -2.39 2.70 -5.72
H52N NAP B . -3.94 2.90 -6.00
H4D NAP B . -3.64 1.28 -4.34
H3D NAP B . -4.73 3.63 -3.09
HO3N NAP B . -6.63 2.60 -3.48
H2D NAP B . -5.07 2.27 -1.21
HO2N NAP B . -4.68 0.09 -1.49
H1D NAP B . -2.60 1.38 -1.41
H2N NAP B . -2.08 2.35 0.63
H71N NAP B . -0.75 2.32 2.12
H72N NAP B . -0.29 2.89 3.46
H4N NAP B . -1.88 6.34 1.08
H5N NAP B . -2.70 6.62 -1.07
H6N NAP B . -3.21 4.78 -2.35
O2 XY0 C . -4.60 4.71 2.44
C18 XY0 C . -4.91 5.92 2.20
O3 XY0 C . -4.36 6.88 2.77
C17 XY0 C . -5.84 6.20 1.01
C4 XY0 C . -6.29 7.61 0.80
C3 XY0 C . -5.80 8.45 -0.24
C2 XY0 C . -6.24 9.79 -0.32
N5 XY0 C . -5.78 10.65 -1.30
C6 XY0 C . -4.84 10.18 -2.09
C7 XY0 C . -4.39 8.86 -2.00
N8 XY0 C . -4.85 7.99 -1.12
C1 XY0 C . -7.26 10.21 0.62
O1 XY0 C . -7.77 11.32 0.60
N2 XY0 C . -7.18 8.02 1.65
N1 XY0 C . -7.67 9.28 1.54
C9 XY0 C . -8.76 9.57 2.48
C10 XY0 C . -8.39 10.54 3.55
N3 XY0 C . -7.18 10.80 3.94
S1 XY0 C . -9.66 11.37 4.41
C11 XY0 C . -8.48 12.16 5.36
C12 XY0 C . -7.22 11.70 4.98
C16 XY0 C . -6.10 12.20 5.62
C13 XY0 C . -8.67 13.08 6.39
C14 XY0 C . -7.56 13.56 7.04
C15 XY0 C . -6.30 13.10 6.64
CL19 XY0 C . -4.88 13.68 7.44
H172 XY0 C . -5.40 5.89 0.20
H171 XY0 C . -6.64 5.64 1.12
H6 XY0 C . -4.50 10.73 -2.78
H7 XY0 C . -3.73 8.56 -2.63
H92 XY0 C . -9.53 9.93 1.98
H91 XY0 C . -9.05 8.74 2.90
H16 XY0 C . -5.25 11.92 5.39
H13 XY0 C . -9.52 13.36 6.64
H14 XY0 C . -7.64 14.18 7.72
C1 EDO D . 0.28 -10.45 -10.72
O1 EDO D . -0.44 -10.11 -9.52
C2 EDO D . 1.69 -10.92 -10.54
O2 EDO D . 2.53 -9.90 -9.97
H11 EDO D . 0.30 -9.65 -11.30
H12 EDO D . -0.21 -11.14 -11.19
HO1 EDO D . -1.21 -9.84 -9.72
H21 EDO D . 2.05 -11.20 -11.41
H22 EDO D . 1.69 -11.70 -9.94
HO2 EDO D . 3.02 -9.58 -10.59
C1 EDO E . -13.62 3.17 13.05
O1 EDO E . -13.46 1.78 12.90
C2 EDO E . -12.47 3.91 13.60
O2 EDO E . -12.06 3.46 14.89
H11 EDO E . -14.39 3.32 13.65
H12 EDO E . -13.84 3.55 12.19
HO1 EDO E . -14.15 1.45 12.57
H21 EDO E . -12.72 4.86 13.67
H22 EDO E . -11.72 3.83 12.99
HO2 EDO E . -12.45 2.73 15.07
C1 EDO F . 1.69 -16.56 -1.69
O1 EDO F . 2.68 -15.70 -1.15
C2 EDO F . 0.80 -15.93 -2.69
O2 EDO F . 1.55 -15.32 -3.77
H11 EDO F . 1.14 -16.91 -0.98
H12 EDO F . 2.14 -17.32 -2.13
HO1 EDO F . 3.14 -16.14 -0.59
H21 EDO F . 0.26 -15.24 -2.25
H22 EDO F . 0.19 -16.59 -3.07
HO2 EDO F . 2.04 -14.71 -3.46
C1 EDO G . -6.14 -18.79 14.49
O1 EDO G . -4.86 -19.36 14.43
C2 EDO G . -6.97 -19.51 15.49
O2 EDO G . -6.40 -19.57 16.82
H11 EDO G . -6.57 -18.86 13.61
H12 EDO G . -6.06 -17.85 14.74
HO1 EDO G . -4.41 -18.94 13.84
H21 EDO G . -7.12 -20.42 15.18
H22 EDO G . -7.84 -19.06 15.55
HO2 EDO G . -5.55 -19.48 16.76
O1 PEO H . -16.60 4.88 -11.81
O2 PEO H . -17.25 6.04 -12.41
HO1 PEO H . -16.75 4.26 -12.43
HO2 PEO H . -17.43 5.74 -13.20
O1 PEO I . -18.22 3.81 -17.00
O2 PEO I . -17.83 4.40 -15.72
HO1 PEO I . -18.91 4.29 -17.21
HO2 PEO I . -18.46 5.00 -15.63
O1 PEO J . -13.65 10.72 11.21
O2 PEO J . -14.64 9.63 11.17
HO1 PEO J . -12.91 10.25 11.28
HO2 PEO J . -14.65 9.47 10.31
O1 PEO K . 12.34 -11.09 10.58
O2 PEO K . 11.60 -12.20 11.16
HO1 PEO K . 13.10 -11.16 11.04
HO2 PEO K . 12.22 -12.57 11.64
O1 PEO L . -10.75 -2.67 12.50
O2 PEO L . -10.90 -3.55 11.34
HO1 PEO L . -10.05 -3.04 12.89
HO2 PEO L . -10.22 -4.08 11.47
O1 PEO M . -6.03 1.17 8.28
O2 PEO M . -7.16 0.50 7.82
HO1 PEO M . -5.44 0.56 8.16
HO2 PEO M . -6.82 -0.28 7.66
O1 PEO N . -10.12 -3.29 0.21
O2 PEO N . -10.25 -2.34 1.29
HO1 PEO N . -10.80 -3.06 -0.28
HO2 PEO N . -10.64 -1.69 0.86
O1 PEO O . -4.85 4.09 18.80
O2 PEO O . -5.87 3.45 19.63
HO1 PEO O . -5.10 3.78 18.02
HO2 PEO O . -6.03 2.74 19.17
O1 PEO P . 8.69 5.84 -8.34
O2 PEO P . 8.66 4.39 -8.64
HO1 PEO P . 9.38 5.85 -7.78
HO2 PEO P . 8.95 4.07 -7.87
O1 PEO Q . -1.45 12.31 -11.46
O2 PEO Q . -2.03 11.52 -12.55
HO1 PEO Q . -0.77 11.83 -11.24
HO2 PEO Q . -1.65 10.75 -12.40
O1 PEO R . -5.57 -1.38 -11.23
O2 PEO R . -4.57 -1.52 -12.25
HO1 PEO R . -5.08 -1.35 -10.53
HO2 PEO R . -4.22 -2.29 -12.02
O1 PEO S . -0.03 -3.96 -1.39
O2 PEO S . -0.29 -4.28 -0.04
HO1 PEO S . -0.56 -3.29 -1.50
HO2 PEO S . -0.80 -3.62 0.17
O1 PEO T . -9.07 -0.96 11.46
O2 PEO T . -7.83 -1.65 11.51
HO1 PEO T . -8.94 -0.42 12.14
HO2 PEO T . -7.74 -1.72 12.37
#